data_7N4N
#
_entry.id   7N4N
#
_cell.length_a   63.757
_cell.length_b   74.492
_cell.length_c   109.361
_cell.angle_alpha   90.000
_cell.angle_beta   90.000
_cell.angle_gamma   90.000
#
_symmetry.space_group_name_H-M   'P 21 21 21'
#
loop_
_entity.id
_entity.type
_entity.pdbx_description
1 polymer 'Beta-secretase 2'
2 polymer Xaperone
3 non-polymer N-{3-[(2S,5R)-6-amino-2-(fluoromethyl)-5-(methanesulfonyl)-5-methyl-2,3,4,5-tetrahydropyridin-2-yl]-4-fluorophenyl}-6-methoxypyrimidine-4-carboxamide
4 non-polymer 1,2-ETHANEDIOL
5 water water
#
loop_
_entity_poly.entity_id
_entity_poly.type
_entity_poly.pdbx_seq_one_letter_code
_entity_poly.pdbx_strand_id
1 'polypeptide(L)'
;ANFLAMVDNLQGDSGRGYYLEMLIGTPPQKLQILVDTGSSNFAVAGTPHSYIDTYFDTERSSTYRSKGFDVTVKYTQGSW
TGFVGEDLVTIPKGFNTSFLVNIATIFESENFFLPGIKWNGILGLAYATLAKPSSSLETFFDSLVTQANIPNVFSMQMCG
AGLPVAGSGTNGGSLVLGGIEPSLYKGDIWYTPIKEEWYYQIEILKLEIGGQSLNLDCREYNADKAIVDSGTTLLRLPQK
VFDAVVEAVARASLIPEFSDGFWTGSQLACWTNSETPWSYFPKISIYLRDENSSRSFRITILPQLYIQPMMGAGLNYECY
RFGISPSTNALVIGATVMEGFYVIFDRAQKRVGFAASPCAEIAGAAVSEISGPFSTEDVASNCVPA
;
A
2 'polypeptide(L)'
;AQVQLQESGGGLVQPGGSLRLSCAASGFTFSSAIMTWVRQAPGKGREWVSTIGSDGSITTYADSVKGRFTISRDNARNTL
YLQMNSLKPEDTAVYYCTSAGRRGPGTQVTVSSH
;
D
#
loop_
_chem_comp.id
_chem_comp.type
_chem_comp.name
_chem_comp.formula
0BK non-polymer N-{3-[(2S,5R)-6-amino-2-(fluoromethyl)-5-(methanesulfonyl)-5-methyl-2,3,4,5-tetrahydropyridin-2-yl]-4-fluorophenyl}-6-methoxypyrimidine-4-carboxamide 'C20 H23 F2 N5 O4 S'
EDO non-polymer 1,2-ETHANEDIOL 'C2 H6 O2'
#
# COMPACT_ATOMS: atom_id res chain seq x y z
N ALA A 1 -5.47 -12.97 -10.87
CA ALA A 1 -5.16 -13.01 -9.41
C ALA A 1 -6.09 -13.96 -8.68
N ASN A 2 -5.59 -14.57 -7.62
CA ASN A 2 -6.33 -15.53 -6.80
C ASN A 2 -6.28 -15.05 -5.35
N PHE A 3 -7.37 -14.44 -4.86
CA PHE A 3 -7.38 -13.87 -3.48
C PHE A 3 -7.25 -14.92 -2.37
N LEU A 4 -7.91 -16.06 -2.52
CA LEU A 4 -7.75 -17.13 -1.53
C LEU A 4 -6.32 -17.65 -1.40
N ALA A 5 -5.56 -17.68 -2.49
CA ALA A 5 -4.12 -17.99 -2.46
C ALA A 5 -3.27 -16.96 -1.71
N MET A 6 -3.79 -15.74 -1.52
CA MET A 6 -3.12 -14.70 -0.78
C MET A 6 -3.34 -14.77 0.72
N VAL A 7 -4.27 -15.61 1.17
CA VAL A 7 -4.51 -15.78 2.61
C VAL A 7 -3.24 -16.33 3.24
N ASP A 8 -2.78 -15.71 4.34
CA ASP A 8 -1.56 -16.11 5.05
C ASP A 8 -0.27 -15.93 4.23
N ASN A 9 -0.31 -15.00 3.28
CA ASN A 9 0.90 -14.68 2.52
C ASN A 9 1.89 -13.75 3.23
N LEU A 10 1.57 -13.29 4.44
CA LEU A 10 2.48 -12.50 5.21
C LEU A 10 3.02 -13.31 6.38
N GLN A 11 4.29 -13.10 6.68
N GLN A 11 4.28 -13.08 6.69
CA GLN A 11 4.91 -13.58 7.93
CA GLN A 11 4.91 -13.58 7.92
C GLN A 11 5.19 -12.38 8.81
C GLN A 11 5.22 -12.38 8.81
N GLY A 12 5.06 -12.56 10.12
CA GLY A 12 5.34 -11.50 11.10
C GLY A 12 6.27 -12.11 12.13
N ASP A 13 7.39 -11.42 12.44
CA ASP A 13 8.41 -11.94 13.38
C ASP A 13 8.28 -11.32 14.79
N SER A 14 7.03 -11.25 15.28
CA SER A 14 6.70 -10.90 16.66
C SER A 14 7.17 -9.47 17.02
N GLY A 15 6.29 -8.49 16.73
CA GLY A 15 6.57 -7.09 16.99
C GLY A 15 7.55 -6.41 16.03
N ARG A 16 7.89 -7.07 14.90
CA ARG A 16 8.88 -6.55 13.93
C ARG A 16 8.38 -6.30 12.49
N GLY A 17 7.08 -6.42 12.26
CA GLY A 17 6.48 -6.04 10.98
C GLY A 17 6.06 -7.25 10.18
N TYR A 18 5.20 -7.01 9.18
CA TYR A 18 4.66 -8.06 8.35
C TYR A 18 5.29 -7.99 6.98
N TYR A 19 5.77 -9.12 6.49
CA TYR A 19 6.48 -9.12 5.20
C TYR A 19 5.99 -10.16 4.24
N LEU A 20 6.15 -9.84 2.95
CA LEU A 20 5.67 -10.61 1.82
C LEU A 20 6.87 -11.18 1.07
N GLU A 21 6.79 -12.44 0.63
N GLU A 21 6.76 -12.43 0.62
CA GLU A 21 7.85 -13.01 -0.18
CA GLU A 21 7.77 -13.06 -0.22
C GLU A 21 7.65 -12.60 -1.64
C GLU A 21 7.61 -12.56 -1.65
N MET A 22 8.70 -12.03 -2.22
CA MET A 22 8.68 -11.54 -3.59
C MET A 22 9.91 -12.08 -4.30
N LEU A 23 9.69 -12.40 -5.58
CA LEU A 23 10.76 -12.95 -6.43
C LEU A 23 11.10 -11.89 -7.44
N ILE A 24 12.38 -11.56 -7.55
CA ILE A 24 12.84 -10.43 -8.36
C ILE A 24 13.91 -10.90 -9.35
N GLY A 25 13.78 -10.48 -10.60
CA GLY A 25 14.83 -10.70 -11.60
C GLY A 25 14.79 -12.05 -12.29
N THR A 26 15.78 -12.24 -13.13
CA THR A 26 15.88 -13.43 -13.99
C THR A 26 17.31 -14.01 -13.92
N PRO A 27 17.49 -15.23 -13.38
CA PRO A 27 16.48 -16.01 -12.70
C PRO A 27 16.06 -15.35 -11.38
N PRO A 28 14.93 -15.80 -10.80
CA PRO A 28 14.40 -15.07 -9.67
C PRO A 28 15.27 -15.19 -8.39
N GLN A 29 15.37 -14.10 -7.63
CA GLN A 29 15.96 -14.00 -6.31
C GLN A 29 14.82 -13.72 -5.34
N LYS A 30 14.78 -14.48 -4.25
CA LYS A 30 13.69 -14.37 -3.28
C LYS A 30 14.07 -13.36 -2.22
N LEU A 31 13.24 -12.35 -2.02
CA LEU A 31 13.37 -11.42 -0.91
C LEU A 31 12.14 -11.39 -0.03
N GLN A 32 12.33 -10.83 1.16
N GLN A 32 12.30 -10.85 1.16
CA GLN A 32 11.32 -10.71 2.22
CA GLN A 32 11.22 -10.78 2.16
C GLN A 32 11.05 -9.24 2.36
C GLN A 32 11.01 -9.30 2.42
N ILE A 33 9.82 -8.82 2.07
CA ILE A 33 9.59 -7.38 1.87
C ILE A 33 8.49 -6.91 2.80
N LEU A 34 8.87 -5.93 3.64
CA LEU A 34 7.93 -5.33 4.58
C LEU A 34 6.78 -4.61 3.85
N VAL A 35 5.55 -4.87 4.28
CA VAL A 35 4.37 -4.27 3.68
C VAL A 35 4.12 -2.92 4.38
N ASP A 36 4.17 -1.82 3.62
CA ASP A 36 4.23 -0.50 4.18
C ASP A 36 3.23 0.43 3.49
N THR A 37 2.07 0.62 4.10
CA THR A 37 1.08 1.54 3.54
C THR A 37 1.41 3.02 3.78
N GLY A 38 2.53 3.32 4.46
CA GLY A 38 2.96 4.68 4.73
C GLY A 38 4.04 5.25 3.85
N SER A 39 4.41 4.53 2.81
CA SER A 39 5.44 5.03 1.89
C SER A 39 5.09 4.53 0.50
N SER A 40 5.84 4.98 -0.51
CA SER A 40 5.45 4.67 -1.89
C SER A 40 6.54 4.15 -2.81
N ASN A 41 7.66 3.72 -2.25
CA ASN A 41 8.76 3.13 -3.04
C ASN A 41 8.93 1.63 -2.74
N PHE A 42 9.35 0.92 -3.77
CA PHE A 42 9.73 -0.48 -3.65
C PHE A 42 11.25 -0.46 -3.59
N ALA A 43 11.80 -0.81 -2.42
CA ALA A 43 13.23 -0.68 -2.17
C ALA A 43 13.73 -1.90 -1.47
N VAL A 44 14.90 -2.37 -1.88
CA VAL A 44 15.42 -3.63 -1.35
C VAL A 44 16.91 -3.46 -1.14
N ALA A 45 17.44 -4.22 -0.18
CA ALA A 45 18.88 -4.31 -0.04
C ALA A 45 19.55 -4.74 -1.33
N GLY A 46 20.60 -4.02 -1.73
CA GLY A 46 21.39 -4.31 -2.91
C GLY A 46 22.84 -4.71 -2.66
N THR A 47 23.24 -4.68 -1.41
CA THR A 47 24.59 -5.03 -0.97
C THR A 47 24.47 -5.73 0.37
N PRO A 48 25.51 -6.49 0.76
CA PRO A 48 25.48 -7.11 2.10
C PRO A 48 25.29 -6.08 3.22
N HIS A 49 24.62 -6.49 4.29
CA HIS A 49 24.48 -5.67 5.51
C HIS A 49 24.45 -6.62 6.70
N SER A 50 24.96 -6.14 7.84
CA SER A 50 25.17 -6.98 9.04
C SER A 50 23.92 -7.72 9.52
N TYR A 51 22.78 -7.04 9.43
CA TYR A 51 21.49 -7.49 9.94
C TYR A 51 20.49 -8.04 8.90
N ILE A 52 20.99 -8.35 7.69
CA ILE A 52 20.23 -9.11 6.69
C ILE A 52 21.01 -10.35 6.23
N ASP A 53 20.26 -11.38 5.84
CA ASP A 53 20.81 -12.64 5.34
C ASP A 53 21.08 -12.59 3.83
N THR A 54 20.23 -11.89 3.08
CA THR A 54 20.32 -11.84 1.63
C THR A 54 19.95 -10.45 1.11
N TYR A 55 20.30 -10.21 -0.13
CA TYR A 55 20.02 -8.95 -0.83
C TYR A 55 19.81 -9.25 -2.31
N PHE A 56 19.33 -8.26 -3.03
CA PHE A 56 19.10 -8.42 -4.47
C PHE A 56 20.39 -8.04 -5.18
N ASP A 57 20.99 -9.01 -5.87
CA ASP A 57 22.21 -8.77 -6.64
C ASP A 57 21.80 -8.53 -8.07
N THR A 58 21.86 -7.26 -8.47
CA THR A 58 21.37 -6.84 -9.78
C THR A 58 22.21 -7.44 -10.88
N GLU A 59 23.48 -7.73 -10.57
CA GLU A 59 24.37 -8.35 -11.55
C GLU A 59 24.00 -9.78 -11.95
N ARG A 60 23.25 -10.47 -11.09
N ARG A 60 23.24 -10.48 -11.11
CA ARG A 60 22.74 -11.80 -11.38
CA ARG A 60 22.75 -11.81 -11.42
C ARG A 60 21.39 -11.82 -12.12
C ARG A 60 21.38 -11.82 -12.11
N SER A 61 20.80 -10.65 -12.41
CA SER A 61 19.54 -10.59 -13.15
C SER A 61 19.78 -10.11 -14.57
N SER A 62 19.43 -10.96 -15.50
CA SER A 62 19.62 -10.66 -16.95
C SER A 62 18.60 -9.63 -17.44
N THR A 63 17.47 -9.51 -16.73
CA THR A 63 16.43 -8.57 -17.10
C THR A 63 16.51 -7.18 -16.42
N TYR A 64 17.31 -7.04 -15.37
CA TYR A 64 17.50 -5.79 -14.68
C TYR A 64 18.02 -4.73 -15.62
N ARG A 65 17.51 -3.52 -15.47
CA ARG A 65 18.02 -2.35 -16.18
C ARG A 65 18.10 -1.19 -15.25
N SER A 66 19.21 -0.47 -15.31
CA SER A 66 19.46 0.71 -14.48
C SER A 66 18.85 1.95 -15.13
N LYS A 67 18.19 2.79 -14.31
CA LYS A 67 17.66 4.06 -14.83
C LYS A 67 18.74 5.13 -14.93
N GLY A 68 19.92 4.87 -14.37
CA GLY A 68 21.01 5.87 -14.39
C GLY A 68 20.92 6.99 -13.35
N PHE A 69 20.08 6.82 -12.32
CA PHE A 69 20.08 7.75 -11.19
C PHE A 69 19.79 7.00 -9.88
N ASP A 70 20.15 7.70 -8.81
CA ASP A 70 19.96 7.25 -7.44
C ASP A 70 18.81 7.98 -6.80
N VAL A 71 18.43 7.51 -5.62
CA VAL A 71 17.46 8.17 -4.81
C VAL A 71 17.92 8.04 -3.36
N THR A 72 17.75 9.11 -2.60
CA THR A 72 18.02 9.13 -1.17
C THR A 72 16.70 9.45 -0.51
N VAL A 73 16.30 8.60 0.43
CA VAL A 73 15.11 8.82 1.22
C VAL A 73 15.59 9.03 2.66
N LYS A 74 15.06 10.06 3.31
CA LYS A 74 15.37 10.36 4.72
C LYS A 74 14.08 10.34 5.51
N TYR A 75 14.09 9.58 6.61
CA TYR A 75 12.99 9.51 7.56
C TYR A 75 13.43 10.21 8.83
N THR A 76 12.55 10.26 9.82
CA THR A 76 12.89 10.85 11.13
C THR A 76 14.04 10.11 11.81
N GLN A 77 13.93 8.79 11.84
CA GLN A 77 14.88 7.94 12.57
C GLN A 77 16.04 7.42 11.73
N GLY A 78 15.92 7.43 10.40
CA GLY A 78 16.94 6.82 9.52
C GLY A 78 16.91 7.25 8.07
N SER A 79 17.68 6.55 7.24
CA SER A 79 17.74 6.90 5.80
C SER A 79 18.32 5.77 4.98
N TRP A 80 18.11 5.84 3.67
CA TRP A 80 18.84 4.98 2.74
C TRP A 80 19.00 5.66 1.40
N THR A 81 20.03 5.24 0.66
CA THR A 81 20.25 5.69 -0.70
C THR A 81 20.40 4.44 -1.53
N GLY A 82 19.77 4.46 -2.71
CA GLY A 82 19.84 3.35 -3.61
C GLY A 82 19.87 3.76 -5.08
N PHE A 83 20.27 2.82 -5.92
CA PHE A 83 20.17 2.98 -7.37
C PHE A 83 18.72 2.70 -7.74
N VAL A 84 18.22 3.37 -8.76
CA VAL A 84 16.87 3.12 -9.24
C VAL A 84 17.00 2.34 -10.55
N GLY A 85 16.27 1.24 -10.64
CA GLY A 85 16.23 0.39 -11.82
C GLY A 85 14.85 -0.13 -12.06
N GLU A 86 14.77 -1.07 -12.99
CA GLU A 86 13.56 -1.77 -13.39
C GLU A 86 13.83 -3.24 -13.49
N ASP A 87 12.92 -4.06 -13.02
CA ASP A 87 13.04 -5.47 -13.23
C ASP A 87 11.71 -6.17 -13.08
N LEU A 88 11.69 -7.45 -13.44
CA LEU A 88 10.51 -8.28 -13.37
C LEU A 88 10.36 -8.82 -11.99
N VAL A 89 9.12 -8.81 -11.48
N VAL A 89 9.14 -8.82 -11.47
CA VAL A 89 8.80 -9.31 -10.14
CA VAL A 89 8.84 -9.40 -10.18
C VAL A 89 7.61 -10.28 -10.20
C VAL A 89 7.67 -10.34 -10.29
N THR A 90 7.69 -11.35 -9.39
N THR A 90 7.65 -11.33 -9.42
CA THR A 90 6.53 -12.23 -9.18
CA THR A 90 6.41 -12.03 -9.17
C THR A 90 6.18 -12.24 -7.67
C THR A 90 6.16 -12.20 -7.67
N ILE A 91 4.90 -12.46 -7.37
CA ILE A 91 4.40 -12.63 -6.02
C ILE A 91 3.79 -14.02 -6.09
N PRO A 92 4.54 -15.03 -5.64
CA PRO A 92 4.05 -16.41 -5.82
C PRO A 92 2.74 -16.74 -5.12
N LYS A 93 2.52 -16.17 -3.93
CA LYS A 93 1.27 -16.36 -3.17
C LYS A 93 0.28 -15.28 -3.61
N GLY A 94 -0.35 -15.55 -4.77
CA GLY A 94 -1.42 -14.69 -5.34
C GLY A 94 -1.45 -14.56 -6.86
N PHE A 95 -0.30 -14.62 -7.51
CA PHE A 95 -0.16 -14.35 -8.94
C PHE A 95 0.63 -15.46 -9.61
N ASN A 96 0.33 -15.68 -10.90
N ASN A 96 0.32 -15.69 -10.89
CA ASN A 96 1.01 -16.72 -11.69
CA ASN A 96 1.00 -16.71 -11.70
C ASN A 96 1.96 -16.18 -12.77
C ASN A 96 1.68 -16.10 -12.93
N THR A 97 2.16 -14.86 -12.80
CA THR A 97 2.94 -14.20 -13.86
C THR A 97 3.82 -13.11 -13.25
N SER A 98 4.76 -12.60 -14.04
N SER A 98 4.75 -12.59 -14.04
CA SER A 98 5.66 -11.53 -13.61
CA SER A 98 5.66 -11.54 -13.57
C SER A 98 5.13 -10.19 -14.08
C SER A 98 5.29 -10.20 -14.19
N PHE A 99 5.72 -9.14 -13.51
CA PHE A 99 5.34 -7.74 -13.78
C PHE A 99 6.58 -6.89 -13.78
N LEU A 100 6.63 -5.88 -14.64
CA LEU A 100 7.77 -5.00 -14.77
C LEU A 100 7.51 -3.81 -13.89
N VAL A 101 8.40 -3.63 -12.92
CA VAL A 101 8.32 -2.59 -11.91
C VAL A 101 9.64 -1.82 -11.71
N ASN A 102 9.51 -0.63 -11.15
CA ASN A 102 10.62 0.12 -10.62
C ASN A 102 11.09 -0.49 -9.31
N ILE A 103 12.40 -0.45 -9.11
CA ILE A 103 13.00 -0.99 -7.90
C ILE A 103 14.18 -0.09 -7.52
N ALA A 104 14.25 0.24 -6.23
CA ALA A 104 15.42 0.91 -5.67
C ALA A 104 16.27 -0.15 -4.96
N THR A 105 17.56 -0.19 -5.26
CA THR A 105 18.46 -1.15 -4.64
C THR A 105 19.40 -0.39 -3.73
N ILE A 106 19.24 -0.63 -2.43
CA ILE A 106 19.88 0.15 -1.40
C ILE A 106 21.35 -0.24 -1.27
N PHE A 107 22.21 0.77 -1.34
CA PHE A 107 23.67 0.56 -1.17
C PHE A 107 24.25 1.22 0.07
N GLU A 108 23.55 2.19 0.64
CA GLU A 108 23.90 2.70 1.96
C GLU A 108 22.67 3.04 2.73
N SER A 109 22.74 2.86 4.05
CA SER A 109 21.60 3.17 4.91
C SER A 109 22.07 3.48 6.31
N GLU A 110 21.27 4.24 7.05
N GLU A 110 21.28 4.28 7.03
CA GLU A 110 21.52 4.59 8.46
CA GLU A 110 21.48 4.60 8.46
C GLU A 110 20.27 4.21 9.24
C GLU A 110 20.24 4.17 9.21
N ASN A 111 20.41 3.29 10.20
CA ASN A 111 19.33 2.91 11.12
C ASN A 111 18.04 2.44 10.39
N PHE A 112 18.23 1.59 9.39
CA PHE A 112 17.16 1.15 8.51
C PHE A 112 17.01 -0.37 8.65
N PHE A 113 18.09 -1.10 8.39
CA PHE A 113 18.16 -2.54 8.65
C PHE A 113 18.64 -2.72 10.09
N LEU A 114 17.70 -3.04 10.98
CA LEU A 114 17.98 -3.19 12.43
C LEU A 114 18.21 -4.65 12.81
N PRO A 115 18.85 -4.90 13.97
CA PRO A 115 19.13 -6.30 14.31
C PRO A 115 17.85 -7.10 14.61
N GLY A 116 17.90 -8.40 14.29
CA GLY A 116 16.78 -9.31 14.53
C GLY A 116 15.54 -9.08 13.69
N ILE A 117 15.73 -8.47 12.52
CA ILE A 117 14.64 -8.16 11.60
C ILE A 117 14.78 -9.14 10.44
N LYS A 118 13.65 -9.64 9.95
CA LYS A 118 13.60 -10.75 8.96
C LYS A 118 13.39 -10.27 7.50
N TRP A 119 13.05 -9.01 7.33
CA TRP A 119 12.88 -8.43 5.98
C TRP A 119 14.16 -7.79 5.46
N ASN A 120 14.25 -7.71 4.14
CA ASN A 120 15.40 -7.05 3.47
C ASN A 120 14.97 -6.07 2.40
N GLY A 121 13.72 -5.68 2.44
CA GLY A 121 13.21 -4.60 1.61
C GLY A 121 11.87 -4.12 2.11
N ILE A 122 11.37 -3.08 1.46
N ILE A 122 11.34 -3.11 1.41
CA ILE A 122 10.08 -2.48 1.81
CA ILE A 122 10.09 -2.47 1.80
C ILE A 122 9.24 -2.31 0.55
C ILE A 122 9.24 -2.23 0.58
N LEU A 123 7.94 -2.55 0.71
CA LEU A 123 6.94 -2.36 -0.35
C LEU A 123 6.03 -1.20 0.05
N GLY A 124 6.28 -0.04 -0.55
CA GLY A 124 5.44 1.11 -0.26
C GLY A 124 4.18 1.06 -1.12
N LEU A 125 3.04 0.99 -0.44
CA LEU A 125 1.72 0.88 -1.04
C LEU A 125 0.84 2.13 -0.96
N ALA A 126 1.44 3.26 -0.57
CA ALA A 126 0.77 4.55 -0.57
C ALA A 126 0.72 5.16 -1.97
N TYR A 127 0.32 6.42 -2.10
CA TYR A 127 0.08 7.01 -3.42
C TYR A 127 1.34 7.55 -4.08
N ALA A 128 1.25 7.68 -5.40
CA ALA A 128 2.30 8.30 -6.24
C ALA A 128 2.87 9.60 -5.65
N THR A 129 2.01 10.42 -5.03
CA THR A 129 2.44 11.69 -4.41
C THR A 129 3.70 11.56 -3.55
N LEU A 130 3.82 10.44 -2.80
CA LEU A 130 4.93 10.23 -1.88
C LEU A 130 6.19 9.65 -2.52
N ALA A 131 6.09 9.17 -3.78
CA ALA A 131 7.21 8.43 -4.39
C ALA A 131 8.41 9.34 -4.58
N LYS A 132 9.60 8.80 -4.34
CA LYS A 132 10.84 9.51 -4.57
C LYS A 132 11.61 8.84 -5.72
N PRO A 133 12.35 9.63 -6.53
CA PRO A 133 12.57 11.07 -6.44
C PRO A 133 11.40 11.95 -6.75
N SER A 134 10.41 11.43 -7.47
CA SER A 134 9.19 12.17 -7.75
C SER A 134 8.05 11.24 -8.03
N SER A 135 6.87 11.83 -8.09
CA SER A 135 5.67 11.12 -8.36
C SER A 135 5.60 10.47 -9.73
N SER A 136 6.53 10.79 -10.63
CA SER A 136 6.55 10.12 -11.91
C SER A 136 7.19 8.70 -11.87
N LEU A 137 7.78 8.33 -10.73
CA LEU A 137 8.36 7.01 -10.57
C LEU A 137 7.21 6.08 -10.23
N GLU A 138 6.75 5.32 -11.21
CA GLU A 138 5.53 4.49 -11.12
C GLU A 138 5.68 3.55 -9.91
N THR A 139 4.67 3.58 -9.05
CA THR A 139 4.69 2.77 -7.82
C THR A 139 4.39 1.31 -8.16
N PHE A 140 4.79 0.45 -7.23
CA PHE A 140 4.58 -0.94 -7.41
C PHE A 140 3.09 -1.29 -7.67
N PHE A 141 2.22 -0.73 -6.81
CA PHE A 141 0.83 -1.06 -6.89
C PHE A 141 0.17 -0.53 -8.20
N ASP A 142 0.61 0.64 -8.63
CA ASP A 142 0.16 1.18 -9.93
C ASP A 142 0.58 0.25 -11.07
N SER A 143 1.83 -0.23 -11.02
CA SER A 143 2.27 -1.23 -12.03
C SER A 143 1.41 -2.50 -12.00
N LEU A 144 1.15 -2.98 -10.78
CA LEU A 144 0.43 -4.23 -10.61
C LEU A 144 -1.02 -4.12 -11.07
N VAL A 145 -1.67 -3.00 -10.71
CA VAL A 145 -3.07 -2.80 -11.06
C VAL A 145 -3.21 -2.89 -12.57
N THR A 146 -2.34 -2.19 -13.27
N THR A 146 -2.31 -2.20 -13.26
CA THR A 146 -2.43 -2.20 -14.71
CA THR A 146 -2.39 -2.09 -14.72
C THR A 146 -2.09 -3.58 -15.27
C THR A 146 -1.89 -3.29 -15.48
N GLN A 147 -0.89 -3.99 -14.95
CA GLN A 147 -0.37 -5.18 -15.59
C GLN A 147 -1.03 -6.50 -15.23
N ALA A 148 -1.64 -6.56 -14.04
CA ALA A 148 -2.30 -7.79 -13.57
C ALA A 148 -3.80 -7.76 -13.72
N ASN A 149 -4.38 -6.68 -14.25
CA ASN A 149 -5.82 -6.54 -14.41
C ASN A 149 -6.60 -6.76 -13.12
N ILE A 150 -6.11 -6.18 -12.04
CA ILE A 150 -6.82 -6.23 -10.79
C ILE A 150 -7.47 -4.88 -10.53
N PRO A 151 -8.55 -4.88 -9.75
CA PRO A 151 -9.06 -3.62 -9.24
C PRO A 151 -8.04 -2.82 -8.39
N ASN A 152 -8.26 -1.53 -8.31
CA ASN A 152 -7.38 -0.62 -7.59
C ASN A 152 -7.75 -0.59 -6.11
N VAL A 153 -7.55 -1.76 -5.49
CA VAL A 153 -7.96 -2.01 -4.11
C VAL A 153 -6.98 -3.02 -3.53
N PHE A 154 -6.55 -2.86 -2.28
CA PHE A 154 -5.94 -3.95 -1.58
C PHE A 154 -6.39 -3.94 -0.16
N SER A 155 -6.19 -5.05 0.51
CA SER A 155 -6.59 -5.16 1.89
C SER A 155 -5.59 -5.96 2.70
N MET A 156 -5.54 -5.66 4.01
CA MET A 156 -4.49 -6.19 4.86
C MET A 156 -5.07 -6.67 6.20
N GLN A 157 -4.65 -7.85 6.62
CA GLN A 157 -4.93 -8.35 7.95
C GLN A 157 -3.64 -8.77 8.62
N MET A 158 -3.50 -8.40 9.88
CA MET A 158 -2.35 -8.73 10.69
C MET A 158 -2.86 -9.63 11.81
N CYS A 159 -2.26 -10.80 11.99
CA CYS A 159 -2.73 -11.75 13.01
C CYS A 159 -1.68 -12.07 14.08
N GLY A 160 -0.75 -11.18 14.33
CA GLY A 160 0.36 -11.43 15.27
C GLY A 160 -0.01 -11.39 16.73
N ALA A 161 -0.94 -10.52 17.10
CA ALA A 161 -1.37 -10.38 18.51
C ALA A 161 -1.95 -11.70 19.08
N GLY A 162 -2.76 -12.39 18.29
CA GLY A 162 -3.36 -13.68 18.69
C GLY A 162 -2.34 -14.80 18.87
N GLY A 172 1.28 -14.47 11.68
CA GLY A 172 1.35 -13.91 10.31
C GLY A 172 0.15 -13.03 9.90
N GLY A 173 -0.16 -13.00 8.61
CA GLY A 173 -1.21 -12.10 8.11
C GLY A 173 -1.45 -12.28 6.63
N SER A 174 -2.25 -11.39 6.05
CA SER A 174 -2.70 -11.55 4.64
C SER A 174 -2.63 -10.15 3.99
N LEU A 175 -2.02 -10.08 2.81
CA LEU A 175 -2.11 -8.93 1.92
C LEU A 175 -2.83 -9.41 0.65
N VAL A 176 -4.07 -8.96 0.51
CA VAL A 176 -4.91 -9.32 -0.62
C VAL A 176 -4.85 -8.20 -1.65
N LEU A 177 -4.09 -8.44 -2.70
CA LEU A 177 -3.87 -7.47 -3.76
C LEU A 177 -4.95 -7.61 -4.83
N GLY A 178 -5.79 -6.57 -4.92
CA GLY A 178 -6.86 -6.49 -5.89
C GLY A 178 -8.26 -6.59 -5.33
N GLY A 179 -8.39 -6.83 -4.02
CA GLY A 179 -9.72 -6.91 -3.45
C GLY A 179 -9.81 -7.34 -2.00
N ILE A 180 -10.95 -7.95 -1.67
CA ILE A 180 -11.37 -8.29 -0.32
C ILE A 180 -11.66 -9.80 -0.32
N GLU A 181 -11.07 -10.50 0.64
CA GLU A 181 -11.24 -11.94 0.82
C GLU A 181 -12.30 -12.14 1.91
N PRO A 182 -13.50 -12.68 1.54
CA PRO A 182 -14.56 -12.83 2.54
C PRO A 182 -14.22 -13.66 3.78
N SER A 183 -13.32 -14.65 3.65
CA SER A 183 -12.96 -15.50 4.79
C SER A 183 -12.14 -14.79 5.87
N LEU A 184 -11.62 -13.59 5.58
CA LEU A 184 -10.85 -12.83 6.56
C LEU A 184 -11.63 -11.97 7.56
N TYR A 185 -12.95 -11.90 7.45
CA TYR A 185 -13.74 -11.10 8.37
C TYR A 185 -15.13 -11.68 8.53
N LYS A 186 -15.78 -11.26 9.59
CA LYS A 186 -17.19 -11.50 9.80
C LYS A 186 -17.74 -10.13 10.10
N GLY A 187 -19.05 -9.99 9.89
CA GLY A 187 -19.73 -8.76 10.18
C GLY A 187 -19.45 -7.74 9.10
N ASP A 188 -19.60 -6.49 9.50
CA ASP A 188 -19.78 -5.40 8.55
C ASP A 188 -18.44 -4.75 8.28
N ILE A 189 -18.24 -4.31 7.04
CA ILE A 189 -17.14 -3.36 6.70
C ILE A 189 -17.73 -1.95 6.76
N TRP A 190 -17.09 -1.09 7.55
CA TRP A 190 -17.41 0.33 7.63
C TRP A 190 -16.34 1.09 6.89
N TYR A 191 -16.76 2.09 6.11
CA TYR A 191 -15.87 2.87 5.29
C TYR A 191 -15.79 4.32 5.73
N THR A 192 -14.59 4.85 5.74
CA THR A 192 -14.32 6.24 6.03
C THR A 192 -13.62 6.86 4.81
N PRO A 193 -13.96 8.11 4.45
CA PRO A 193 -13.32 8.66 3.24
C PRO A 193 -11.82 8.94 3.40
N ILE A 194 -11.08 8.80 2.31
CA ILE A 194 -9.71 9.21 2.26
C ILE A 194 -9.80 10.71 2.01
N LYS A 195 -9.32 11.51 2.97
CA LYS A 195 -9.36 12.98 2.85
C LYS A 195 -8.35 13.55 1.89
N GLU A 196 -7.21 12.91 1.81
CA GLU A 196 -6.13 13.37 0.95
C GLU A 196 -5.34 12.14 0.54
N GLU A 197 -5.06 12.00 -0.76
CA GLU A 197 -4.42 10.79 -1.33
C GLU A 197 -2.92 11.01 -1.39
N TRP A 198 -2.25 10.66 -0.31
CA TRP A 198 -0.79 10.72 -0.25
C TRP A 198 -0.36 9.56 0.62
N TYR A 199 -0.35 9.78 1.95
CA TYR A 199 -0.61 8.73 2.89
C TYR A 199 -2.10 8.36 2.77
N TYR A 200 -2.53 7.32 3.50
CA TYR A 200 -3.94 7.01 3.62
C TYR A 200 -4.50 7.88 4.74
N GLN A 201 -4.76 9.14 4.41
CA GLN A 201 -5.21 10.11 5.39
C GLN A 201 -6.72 10.01 5.54
N ILE A 202 -7.16 9.86 6.80
CA ILE A 202 -8.56 9.74 7.14
C ILE A 202 -8.87 10.72 8.27
N GLU A 203 -10.15 10.92 8.50
CA GLU A 203 -10.60 11.95 9.47
C GLU A 203 -11.05 11.31 10.77
N ILE A 204 -10.32 11.61 11.85
CA ILE A 204 -10.68 11.14 13.21
C ILE A 204 -11.55 12.19 13.86
N LEU A 205 -12.68 11.76 14.42
CA LEU A 205 -13.65 12.68 15.03
C LEU A 205 -13.56 12.76 16.52
N LYS A 206 -13.12 11.68 17.15
CA LYS A 206 -13.17 11.52 18.61
C LYS A 206 -12.35 10.32 19.06
N LEU A 207 -11.75 10.45 20.26
CA LEU A 207 -11.18 9.33 20.97
C LEU A 207 -11.94 9.23 22.29
N GLU A 208 -12.21 8.00 22.69
CA GLU A 208 -12.95 7.68 23.91
C GLU A 208 -12.14 6.62 24.65
N ILE A 209 -11.96 6.81 25.96
CA ILE A 209 -11.24 5.90 26.81
C ILE A 209 -12.24 5.41 27.84
N GLY A 210 -12.47 4.09 27.88
CA GLY A 210 -13.45 3.50 28.79
C GLY A 210 -14.82 4.15 28.74
N GLY A 211 -15.26 4.53 27.54
CA GLY A 211 -16.53 5.22 27.36
C GLY A 211 -16.56 6.71 27.60
N GLN A 212 -15.45 7.31 28.03
CA GLN A 212 -15.35 8.74 28.27
C GLN A 212 -14.57 9.44 27.15
N SER A 213 -15.17 10.49 26.55
CA SER A 213 -14.48 11.25 25.51
C SER A 213 -13.39 12.11 26.11
N LEU A 214 -12.34 12.35 25.35
CA LEU A 214 -11.22 13.19 25.77
C LEU A 214 -11.50 14.70 25.83
N ASN A 215 -12.62 15.17 25.26
CA ASN A 215 -12.97 16.61 25.29
C ASN A 215 -11.84 17.49 24.69
N LEU A 216 -11.30 17.02 23.56
CA LEU A 216 -10.39 17.83 22.76
C LEU A 216 -11.15 18.31 21.55
N ASP A 217 -10.75 19.46 21.01
CA ASP A 217 -11.24 19.89 19.70
C ASP A 217 -10.80 18.79 18.71
N CYS A 218 -11.73 18.33 17.87
CA CYS A 218 -11.42 17.27 16.89
C CYS A 218 -10.24 17.57 15.92
N ARG A 219 -9.92 18.86 15.71
N ARG A 219 -9.90 18.86 15.72
CA ARG A 219 -8.70 19.25 14.99
CA ARG A 219 -8.70 19.22 14.98
C ARG A 219 -7.40 18.76 15.59
C ARG A 219 -7.38 18.79 15.59
N GLU A 220 -7.37 18.55 16.91
CA GLU A 220 -6.19 17.99 17.60
C GLU A 220 -5.84 16.57 17.09
N TYR A 221 -6.86 15.84 16.63
CA TYR A 221 -6.67 14.47 16.08
C TYR A 221 -6.14 14.41 14.65
N ASN A 222 -6.15 15.55 13.94
CA ASN A 222 -5.86 15.62 12.51
C ASN A 222 -4.85 16.71 12.14
N ALA A 223 -4.18 17.31 13.14
CA ALA A 223 -3.61 18.66 12.97
C ALA A 223 -2.53 18.63 11.93
N ASP A 224 -1.62 17.69 12.09
CA ASP A 224 -0.66 17.40 11.06
C ASP A 224 -1.41 16.55 10.02
N LYS A 225 -1.88 15.38 10.47
CA LYS A 225 -2.62 14.41 9.65
C LYS A 225 -2.86 13.16 10.50
N ALA A 226 -3.94 12.45 10.20
CA ALA A 226 -4.26 11.12 10.76
C ALA A 226 -4.19 10.14 9.61
N ILE A 227 -3.40 9.09 9.76
CA ILE A 227 -3.14 8.16 8.64
C ILE A 227 -3.17 6.76 9.12
N VAL A 228 -3.40 5.85 8.18
CA VAL A 228 -3.29 4.40 8.41
C VAL A 228 -1.99 3.93 7.79
N ASP A 229 -1.10 3.40 8.63
CA ASP A 229 0.26 3.06 8.24
C ASP A 229 0.71 1.70 8.77
N SER A 230 0.73 0.69 7.91
CA SER A 230 1.19 -0.65 8.30
C SER A 230 2.67 -0.70 8.61
N GLY A 231 3.42 0.33 8.21
CA GLY A 231 4.83 0.46 8.52
C GLY A 231 5.18 1.25 9.77
N THR A 232 4.16 1.55 10.56
CA THR A 232 4.36 2.11 11.90
C THR A 232 3.96 1.03 12.91
N THR A 233 4.82 0.85 13.91
CA THR A 233 4.61 -0.15 14.92
C THR A 233 3.45 0.18 15.88
N LEU A 234 3.45 1.39 16.42
CA LEU A 234 2.55 1.78 17.48
C LEU A 234 1.41 2.63 16.97
N LEU A 235 0.45 2.88 17.86
CA LEU A 235 -0.49 3.95 17.74
C LEU A 235 0.24 5.20 18.21
N ARG A 236 0.45 6.14 17.29
CA ARG A 236 1.23 7.33 17.56
C ARG A 236 0.25 8.47 17.58
N LEU A 237 0.29 9.23 18.67
CA LEU A 237 -0.67 10.31 18.93
C LEU A 237 0.07 11.64 19.12
N PRO A 238 -0.44 12.72 18.53
CA PRO A 238 0.14 14.02 18.83
C PRO A 238 0.20 14.27 20.35
N GLN A 239 1.29 14.91 20.79
CA GLN A 239 1.61 15.03 22.24
C GLN A 239 0.41 15.39 23.13
N LYS A 240 -0.32 16.45 22.77
CA LYS A 240 -1.52 16.86 23.53
C LYS A 240 -2.58 15.74 23.61
N VAL A 241 -2.76 15.01 22.52
CA VAL A 241 -3.70 13.90 22.48
C VAL A 241 -3.17 12.73 23.32
N PHE A 242 -1.88 12.42 23.10
CA PHE A 242 -1.15 11.41 23.89
C PHE A 242 -1.32 11.65 25.40
N ASP A 243 -1.03 12.87 25.81
CA ASP A 243 -1.16 13.28 27.26
C ASP A 243 -2.57 13.06 27.80
N ALA A 244 -3.58 13.37 26.98
CA ALA A 244 -4.99 13.19 27.36
C ALA A 244 -5.36 11.70 27.47
N VAL A 245 -4.86 10.89 26.52
CA VAL A 245 -5.09 9.45 26.57
C VAL A 245 -4.49 8.84 27.82
N VAL A 246 -3.24 9.17 28.11
CA VAL A 246 -2.54 8.66 29.29
C VAL A 246 -3.31 9.02 30.57
N GLU A 247 -3.74 10.27 30.66
N GLU A 247 -3.73 10.28 30.67
CA GLU A 247 -4.49 10.73 31.84
CA GLU A 247 -4.54 10.75 31.81
C GLU A 247 -5.81 9.94 32.00
C GLU A 247 -5.79 9.89 31.99
N ALA A 248 -6.48 9.64 30.87
CA ALA A 248 -7.73 8.90 30.88
C ALA A 248 -7.56 7.42 31.21
N VAL A 249 -6.52 6.82 30.65
CA VAL A 249 -6.22 5.39 30.92
C VAL A 249 -5.84 5.21 32.40
N ALA A 250 -4.98 6.09 32.91
CA ALA A 250 -4.63 6.10 34.37
C ALA A 250 -5.85 6.29 35.25
N ARG A 251 -6.73 7.22 34.89
CA ARG A 251 -7.96 7.43 35.69
C ARG A 251 -8.90 6.23 35.65
N ALA A 252 -9.02 5.59 34.49
CA ALA A 252 -9.95 4.50 34.28
C ALA A 252 -9.45 3.16 34.74
N SER A 253 -8.13 2.99 34.83
N SER A 253 -8.12 2.99 34.82
CA SER A 253 -7.52 1.72 35.16
CA SER A 253 -7.50 1.73 35.19
C SER A 253 -7.61 1.44 36.65
C SER A 253 -7.68 1.47 36.67
N LEU A 254 -8.03 0.23 36.99
CA LEU A 254 -8.32 -0.15 38.38
C LEU A 254 -7.10 -0.57 39.17
N ILE A 255 -5.94 -0.68 38.52
CA ILE A 255 -4.70 -0.86 39.27
C ILE A 255 -4.28 0.46 39.99
N PRO A 256 -3.50 0.36 41.09
CA PRO A 256 -3.02 1.52 41.84
C PRO A 256 -2.38 2.63 41.01
N GLU A 257 -1.44 2.27 40.14
CA GLU A 257 -0.67 3.29 39.40
C GLU A 257 0.27 2.67 38.41
N PHE A 258 0.46 3.41 37.32
CA PHE A 258 1.48 3.12 36.31
C PHE A 258 2.57 4.15 36.53
N SER A 259 3.84 3.75 36.32
CA SER A 259 4.93 4.70 36.41
C SER A 259 4.89 5.66 35.22
N ASP A 260 5.52 6.82 35.38
CA ASP A 260 5.67 7.73 34.26
C ASP A 260 6.48 7.05 33.15
N GLY A 261 7.46 6.23 33.54
CA GLY A 261 8.30 5.49 32.60
C GLY A 261 7.55 4.52 31.69
N PHE A 262 6.50 3.89 32.23
CA PHE A 262 5.60 3.03 31.43
C PHE A 262 4.99 3.77 30.27
N TRP A 263 4.43 4.95 30.55
CA TRP A 263 3.77 5.73 29.52
C TRP A 263 4.72 6.17 28.42
N THR A 264 5.96 6.51 28.76
CA THR A 264 6.94 6.97 27.73
C THR A 264 7.68 5.81 27.06
N GLY A 265 7.45 4.58 27.51
CA GLY A 265 8.15 3.42 27.01
C GLY A 265 9.49 3.12 27.64
N SER A 266 9.88 3.88 28.69
CA SER A 266 11.18 3.67 29.39
C SER A 266 11.14 2.60 30.49
N GLN A 267 9.97 2.09 30.84
CA GLN A 267 9.83 1.05 31.86
C GLN A 267 8.72 0.05 31.44
N LEU A 268 8.93 -1.23 31.75
CA LEU A 268 7.91 -2.27 31.56
C LEU A 268 7.06 -2.38 32.81
N ALA A 269 5.80 -2.73 32.63
CA ALA A 269 4.94 -3.18 33.71
C ALA A 269 4.93 -4.71 33.68
N CYS A 270 5.19 -5.34 34.83
CA CYS A 270 5.22 -6.83 34.93
C CYS A 270 4.20 -7.36 35.96
N TRP A 271 3.65 -8.53 35.65
CA TRP A 271 2.76 -9.29 36.55
C TRP A 271 3.16 -10.76 36.52
N THR A 272 2.71 -11.51 37.52
CA THR A 272 3.09 -12.93 37.67
C THR A 272 2.67 -13.84 36.50
N TRP A 278 -6.69 -7.60 33.20
CA TRP A 278 -7.18 -7.10 31.91
C TRP A 278 -8.45 -6.31 32.03
N SER A 279 -9.41 -6.84 32.81
CA SER A 279 -10.64 -6.13 33.18
C SER A 279 -10.39 -4.81 33.91
N TYR A 280 -9.19 -4.66 34.47
CA TYR A 280 -8.75 -3.45 35.12
C TYR A 280 -8.18 -2.38 34.16
N PHE A 281 -8.21 -2.59 32.82
CA PHE A 281 -7.75 -1.55 31.86
C PHE A 281 -8.87 -1.23 30.88
N PRO A 282 -8.99 0.05 30.45
CA PRO A 282 -10.11 0.48 29.62
C PRO A 282 -9.93 0.13 28.12
N LYS A 283 -11.06 0.02 27.45
CA LYS A 283 -11.07 -0.02 25.98
C LYS A 283 -10.77 1.38 25.43
N ILE A 284 -10.18 1.43 24.23
CA ILE A 284 -9.89 2.70 23.55
C ILE A 284 -10.57 2.65 22.18
N SER A 285 -11.40 3.67 21.93
CA SER A 285 -12.17 3.77 20.70
C SER A 285 -11.78 4.99 19.91
N ILE A 286 -11.66 4.79 18.59
CA ILE A 286 -11.41 5.88 17.64
C ILE A 286 -12.64 5.96 16.74
N TYR A 287 -13.26 7.14 16.73
CA TYR A 287 -14.41 7.45 15.85
C TYR A 287 -13.95 8.01 14.51
N LEU A 288 -14.49 7.41 13.47
CA LEU A 288 -14.14 7.77 12.07
C LEU A 288 -15.40 8.19 11.37
N ARG A 289 -15.31 9.22 10.54
CA ARG A 289 -16.50 9.65 9.80
C ARG A 289 -16.90 8.63 8.75
N ASP A 290 -18.20 8.40 8.61
CA ASP A 290 -18.74 7.54 7.57
C ASP A 290 -18.74 8.35 6.27
N GLU A 291 -18.92 7.64 5.17
CA GLU A 291 -19.10 8.32 3.86
C GLU A 291 -20.28 9.30 3.88
N ASN A 292 -21.30 8.98 4.67
CA ASN A 292 -22.37 9.95 5.03
C ASN A 292 -21.88 10.74 6.23
N SER A 293 -21.66 12.02 6.06
CA SER A 293 -20.97 12.81 7.06
C SER A 293 -21.68 12.99 8.40
N SER A 294 -22.98 12.74 8.41
CA SER A 294 -23.78 12.79 9.63
C SER A 294 -23.54 11.59 10.55
N ARG A 295 -22.82 10.55 10.07
CA ARG A 295 -22.62 9.31 10.80
C ARG A 295 -21.13 9.06 10.98
N SER A 296 -20.83 8.36 12.05
CA SER A 296 -19.51 7.86 12.33
C SER A 296 -19.61 6.42 12.75
N PHE A 297 -18.45 5.75 12.75
CA PHE A 297 -18.33 4.42 13.37
C PHE A 297 -17.12 4.45 14.25
N ARG A 298 -17.04 3.47 15.14
CA ARG A 298 -15.87 3.42 16.03
C ARG A 298 -15.16 2.11 15.90
N ILE A 299 -13.84 2.22 15.89
CA ILE A 299 -12.96 1.07 15.96
C ILE A 299 -12.39 1.08 17.37
N THR A 300 -12.50 -0.07 18.02
CA THR A 300 -12.21 -0.19 19.44
C THR A 300 -11.15 -1.27 19.62
N ILE A 301 -10.13 -0.96 20.40
CA ILE A 301 -9.12 -1.91 20.81
C ILE A 301 -9.25 -2.16 22.30
N LEU A 302 -9.08 -3.41 22.65
CA LEU A 302 -9.06 -3.84 24.05
C LEU A 302 -7.63 -3.69 24.57
N PRO A 303 -7.47 -3.66 25.91
CA PRO A 303 -6.18 -3.59 26.51
C PRO A 303 -5.10 -4.52 25.98
N GLN A 304 -5.50 -5.76 25.62
CA GLN A 304 -4.60 -6.74 25.05
C GLN A 304 -3.82 -6.24 23.81
N LEU A 305 -4.37 -5.30 23.06
CA LEU A 305 -3.67 -4.71 21.92
C LEU A 305 -2.75 -3.54 22.23
N TYR A 306 -2.98 -2.80 23.30
CA TYR A 306 -2.12 -1.66 23.66
C TYR A 306 -1.22 -1.84 24.89
N ILE A 307 -1.40 -2.95 25.61
N ILE A 307 -1.38 -2.94 25.62
CA ILE A 307 -0.52 -3.34 26.72
CA ILE A 307 -0.50 -3.30 26.72
C ILE A 307 0.14 -4.61 26.21
C ILE A 307 0.15 -4.59 26.23
N GLN A 308 1.35 -4.45 25.66
CA GLN A 308 1.89 -5.43 24.71
C GLN A 308 2.94 -6.31 25.34
N PRO A 309 2.77 -7.64 25.24
CA PRO A 309 3.76 -8.53 25.89
C PRO A 309 5.15 -8.41 25.30
N MET A 310 6.17 -8.48 26.14
CA MET A 310 7.56 -8.34 25.72
C MET A 310 8.42 -9.39 26.40
N TYR A 317 7.50 -13.81 35.72
CA TYR A 317 6.81 -12.54 35.48
C TYR A 317 6.66 -12.23 33.98
N GLU A 318 5.42 -12.12 33.51
CA GLU A 318 5.11 -11.61 32.15
C GLU A 318 5.20 -10.08 32.15
N CYS A 319 5.98 -9.50 31.24
CA CYS A 319 6.15 -8.02 31.19
C CYS A 319 5.54 -7.41 29.95
N TYR A 320 5.16 -6.13 30.09
CA TYR A 320 4.39 -5.40 29.05
C TYR A 320 4.93 -4.00 28.80
N ARG A 321 4.83 -3.56 27.55
CA ARG A 321 5.16 -2.20 27.16
C ARG A 321 3.88 -1.54 26.67
N PHE A 322 3.82 -0.22 26.83
CA PHE A 322 2.70 0.55 26.31
C PHE A 322 2.77 0.59 24.78
N GLY A 323 1.65 0.31 24.13
CA GLY A 323 1.57 0.22 22.65
C GLY A 323 1.19 1.52 21.95
N ILE A 324 1.30 2.63 22.68
CA ILE A 324 0.98 3.97 22.23
C ILE A 324 2.16 4.85 22.51
N SER A 325 2.49 5.74 21.58
CA SER A 325 3.60 6.70 21.76
C SER A 325 3.25 8.08 21.29
N PRO A 326 3.97 9.10 21.80
CA PRO A 326 3.72 10.46 21.32
C PRO A 326 4.29 10.69 19.92
N SER A 327 3.65 11.58 19.19
CA SER A 327 4.12 12.07 17.92
C SER A 327 4.40 13.57 18.04
N THR A 328 5.48 13.98 17.38
CA THR A 328 5.79 15.40 17.13
C THR A 328 5.13 15.89 15.82
N ASN A 329 4.34 15.02 15.18
CA ASN A 329 3.78 15.26 13.85
C ASN A 329 2.36 14.63 13.73
N ALA A 330 2.25 13.44 13.15
CA ALA A 330 0.96 12.87 12.74
C ALA A 330 0.31 12.00 13.81
N LEU A 331 -0.98 11.73 13.63
CA LEU A 331 -1.66 10.67 14.38
C LEU A 331 -1.60 9.45 13.50
N VAL A 332 -0.88 8.41 13.95
CA VAL A 332 -0.64 7.28 13.09
C VAL A 332 -1.34 6.04 13.63
N ILE A 333 -2.27 5.52 12.85
CA ILE A 333 -2.95 4.27 13.13
C ILE A 333 -2.04 3.18 12.59
N GLY A 334 -1.11 2.75 13.45
CA GLY A 334 -0.13 1.74 13.09
C GLY A 334 -0.54 0.34 13.48
N ALA A 335 0.45 -0.54 13.56
CA ALA A 335 0.21 -1.96 13.81
C ALA A 335 -0.52 -2.24 15.13
N THR A 336 -0.29 -1.43 16.15
CA THR A 336 -1.05 -1.59 17.40
C THR A 336 -2.55 -1.75 17.13
N VAL A 337 -3.06 -0.92 16.23
CA VAL A 337 -4.48 -0.91 15.93
C VAL A 337 -4.81 -1.86 14.77
N MET A 338 -3.94 -1.91 13.76
CA MET A 338 -4.23 -2.72 12.58
C MET A 338 -4.29 -4.22 12.91
N GLU A 339 -3.61 -4.63 13.99
CA GLU A 339 -3.71 -6.03 14.50
C GLU A 339 -5.15 -6.41 14.87
N GLY A 340 -6.02 -5.42 15.08
CA GLY A 340 -7.41 -5.71 15.41
C GLY A 340 -8.40 -5.77 14.26
N PHE A 341 -7.96 -5.34 13.06
CA PHE A 341 -8.87 -5.08 11.97
C PHE A 341 -8.36 -5.58 10.63
N TYR A 342 -9.31 -6.00 9.81
CA TYR A 342 -9.09 -6.19 8.41
C TYR A 342 -9.31 -4.82 7.80
N VAL A 343 -8.27 -4.29 7.12
CA VAL A 343 -8.27 -2.91 6.68
C VAL A 343 -8.27 -2.96 5.13
N ILE A 344 -9.27 -2.31 4.54
N ILE A 344 -9.22 -2.27 4.52
CA ILE A 344 -9.45 -2.29 3.08
CA ILE A 344 -9.43 -2.32 3.07
C ILE A 344 -8.95 -0.92 2.59
C ILE A 344 -9.05 -0.97 2.48
N PHE A 345 -7.95 -0.94 1.72
CA PHE A 345 -7.40 0.30 1.14
C PHE A 345 -8.04 0.41 -0.25
N ASP A 346 -9.23 1.00 -0.26
CA ASP A 346 -10.05 1.08 -1.47
C ASP A 346 -9.72 2.38 -2.17
N ARG A 347 -8.60 2.34 -2.88
CA ARG A 347 -8.13 3.46 -3.64
C ARG A 347 -9.14 3.84 -4.73
N ALA A 348 -9.74 2.83 -5.36
CA ALA A 348 -10.70 3.10 -6.48
C ALA A 348 -11.87 3.99 -6.05
N GLN A 349 -12.33 3.80 -4.83
CA GLN A 349 -13.47 4.57 -4.25
C GLN A 349 -13.08 5.56 -3.13
N LYS A 350 -11.79 5.87 -3.00
CA LYS A 350 -11.31 6.92 -2.13
C LYS A 350 -11.83 6.75 -0.69
N ARG A 351 -11.63 5.52 -0.19
CA ARG A 351 -12.07 5.17 1.14
C ARG A 351 -11.24 4.08 1.76
N VAL A 352 -11.23 4.05 3.09
CA VAL A 352 -10.59 2.98 3.84
C VAL A 352 -11.68 2.26 4.63
N GLY A 353 -11.73 0.94 4.45
CA GLY A 353 -12.69 0.08 5.17
C GLY A 353 -12.03 -0.57 6.40
N PHE A 354 -12.86 -0.82 7.42
CA PHE A 354 -12.51 -1.58 8.63
C PHE A 354 -13.55 -2.66 8.89
N ALA A 355 -13.08 -3.84 9.23
CA ALA A 355 -13.88 -4.90 9.86
C ALA A 355 -13.02 -5.54 10.97
N ALA A 356 -13.66 -5.99 12.03
CA ALA A 356 -12.91 -6.67 13.11
C ALA A 356 -12.28 -7.97 12.59
N SER A 357 -11.03 -8.21 12.95
CA SER A 357 -10.31 -9.40 12.52
C SER A 357 -10.70 -10.59 13.42
N PRO A 358 -11.29 -11.65 12.83
CA PRO A 358 -11.56 -12.91 13.62
C PRO A 358 -10.28 -13.45 14.27
N CYS A 359 -9.14 -13.33 13.61
CA CYS A 359 -7.88 -13.79 14.18
C CYS A 359 -7.40 -12.96 15.37
N ALA A 360 -7.98 -11.76 15.62
CA ALA A 360 -7.53 -10.93 16.73
C ALA A 360 -8.31 -11.41 17.93
N GLU A 361 -7.84 -12.53 18.47
N GLU A 361 -7.84 -12.53 18.48
CA GLU A 361 -8.43 -13.18 19.63
CA GLU A 361 -8.43 -13.18 19.63
C GLU A 361 -7.30 -13.68 20.49
C GLU A 361 -7.32 -13.73 20.49
N ILE A 362 -7.43 -13.48 21.79
CA ILE A 362 -6.44 -13.96 22.78
C ILE A 362 -7.24 -14.61 23.91
N ALA A 363 -6.83 -15.81 24.31
CA ALA A 363 -7.46 -16.53 25.46
C ALA A 363 -9.00 -16.55 25.33
N GLY A 364 -9.46 -16.80 24.10
CA GLY A 364 -10.88 -16.90 23.78
C GLY A 364 -11.68 -15.64 23.74
N ALA A 365 -11.01 -14.47 23.75
CA ALA A 365 -11.67 -13.17 23.79
C ALA A 365 -11.25 -12.38 22.56
N ALA A 366 -12.22 -11.84 21.83
CA ALA A 366 -11.92 -10.85 20.79
C ALA A 366 -11.23 -9.67 21.44
N VAL A 367 -10.18 -9.16 20.81
CA VAL A 367 -9.42 -8.03 21.34
C VAL A 367 -9.62 -6.71 20.58
N SER A 368 -10.63 -6.71 19.71
CA SER A 368 -11.06 -5.55 18.97
C SER A 368 -12.54 -5.63 18.72
N GLU A 369 -13.14 -4.47 18.48
CA GLU A 369 -14.56 -4.38 18.16
C GLU A 369 -14.76 -3.26 17.14
N ILE A 370 -15.83 -3.35 16.37
CA ILE A 370 -16.26 -2.24 15.54
C ILE A 370 -17.75 -2.04 15.72
N SER A 371 -18.19 -0.79 15.73
CA SER A 371 -19.63 -0.54 15.80
C SER A 371 -20.02 0.77 15.23
N GLY A 372 -21.31 0.88 14.98
CA GLY A 372 -21.90 2.10 14.47
C GLY A 372 -23.33 1.87 14.06
N PRO A 373 -24.02 2.92 13.59
CA PRO A 373 -23.54 4.28 13.45
C PRO A 373 -23.77 5.14 14.70
N PHE A 374 -23.01 6.22 14.81
CA PHE A 374 -23.18 7.29 15.80
C PHE A 374 -23.33 8.64 15.12
N SER A 375 -24.02 9.56 15.78
CA SER A 375 -24.20 10.89 15.23
C SER A 375 -22.92 11.72 15.29
N THR A 376 -22.72 12.56 14.28
CA THR A 376 -21.62 13.53 14.28
C THR A 376 -22.09 14.97 14.45
N GLU A 377 -23.33 15.15 14.93
CA GLU A 377 -23.95 16.48 15.10
C GLU A 377 -23.18 17.34 16.10
N ASP A 378 -22.55 16.70 17.10
CA ASP A 378 -21.68 17.40 18.07
C ASP A 378 -20.24 17.78 17.62
N VAL A 379 -19.85 17.42 16.40
N VAL A 379 -19.91 17.50 16.35
CA VAL A 379 -18.53 17.83 15.85
CA VAL A 379 -18.59 17.73 15.80
C VAL A 379 -18.70 18.65 14.59
C VAL A 379 -18.71 18.63 14.57
N ALA A 380 -17.67 19.43 14.29
CA ALA A 380 -17.56 20.25 13.09
C ALA A 380 -17.60 19.43 11.79
N SER A 381 -17.96 20.09 10.69
CA SER A 381 -17.96 19.43 9.39
C SER A 381 -16.60 19.03 8.87
N ASN A 382 -15.55 19.74 9.26
CA ASN A 382 -14.22 19.36 8.90
C ASN A 382 -13.34 19.44 10.14
N CYS A 383 -12.91 18.27 10.60
CA CYS A 383 -11.91 18.13 11.66
C CYS A 383 -10.48 18.18 11.16
N VAL A 384 -10.25 18.24 9.85
CA VAL A 384 -8.90 18.51 9.33
C VAL A 384 -8.74 20.04 9.27
N PRO A 385 -7.64 20.58 9.84
CA PRO A 385 -7.37 22.02 9.72
C PRO A 385 -7.40 22.53 8.29
N ALA A 386 -8.07 23.66 8.12
CA ALA A 386 -8.22 24.30 6.82
C ALA A 386 -8.35 25.81 7.01
N VAL B 3 1.95 16.34 -16.40
CA VAL B 3 1.92 15.08 -17.23
C VAL B 3 0.79 15.16 -18.27
N GLN B 4 1.09 14.77 -19.50
CA GLN B 4 0.12 14.70 -20.56
C GLN B 4 0.43 13.46 -21.42
N LEU B 5 -0.62 12.69 -21.72
CA LEU B 5 -0.55 11.56 -22.61
C LEU B 5 -1.66 11.73 -23.62
N GLN B 6 -1.34 11.57 -24.91
CA GLN B 6 -2.37 11.67 -25.95
C GLN B 6 -2.15 10.64 -27.01
N GLU B 7 -3.09 9.69 -27.11
CA GLU B 7 -3.00 8.63 -28.03
C GLU B 7 -3.60 9.04 -29.35
N SER B 8 -3.13 8.38 -30.39
CA SER B 8 -3.68 8.55 -31.74
C SER B 8 -3.43 7.28 -32.57
N GLY B 9 -3.99 7.23 -33.78
CA GLY B 9 -3.73 6.17 -34.73
C GLY B 9 -4.72 5.07 -34.82
N GLY B 10 -5.75 5.13 -33.97
CA GLY B 10 -6.85 4.19 -34.06
C GLY B 10 -7.62 4.36 -35.36
N GLY B 11 -8.52 3.43 -35.59
CA GLY B 11 -9.40 3.51 -36.75
C GLY B 11 -10.29 2.33 -36.85
N LEU B 12 -10.99 2.26 -37.98
CA LEU B 12 -11.92 1.18 -38.28
C LEU B 12 -11.30 0.36 -39.39
N VAL B 13 -11.04 -0.91 -39.12
CA VAL B 13 -10.33 -1.83 -40.05
C VAL B 13 -11.09 -3.12 -40.21
N GLN B 14 -10.79 -3.85 -41.28
CA GLN B 14 -11.31 -5.19 -41.48
C GLN B 14 -10.51 -6.16 -40.66
N PRO B 15 -11.09 -7.33 -40.39
CA PRO B 15 -10.29 -8.40 -39.84
C PRO B 15 -9.09 -8.75 -40.71
N GLY B 16 -7.97 -9.05 -40.04
CA GLY B 16 -6.69 -9.24 -40.67
C GLY B 16 -5.97 -7.93 -40.95
N GLY B 17 -6.61 -6.81 -40.67
CA GLY B 17 -6.02 -5.50 -40.84
C GLY B 17 -4.97 -5.12 -39.81
N SER B 18 -4.54 -3.87 -39.90
N SER B 18 -4.47 -3.90 -39.96
CA SER B 18 -3.43 -3.37 -39.12
CA SER B 18 -3.36 -3.36 -39.18
C SER B 18 -3.54 -1.87 -38.86
C SER B 18 -3.56 -1.88 -38.85
N LEU B 19 -3.04 -1.48 -37.69
CA LEU B 19 -2.95 -0.10 -37.29
C LEU B 19 -1.63 0.11 -36.57
N ARG B 20 -1.23 1.37 -36.51
CA ARG B 20 -0.06 1.77 -35.68
C ARG B 20 -0.50 2.86 -34.73
N LEU B 21 -0.64 2.50 -33.47
CA LEU B 21 -1.02 3.46 -32.48
C LEU B 21 0.22 4.20 -32.03
N SER B 22 0.02 5.47 -31.67
N SER B 22 0.03 5.44 -31.61
CA SER B 22 1.03 6.35 -31.09
CA SER B 22 1.10 6.22 -31.02
C SER B 22 0.51 6.90 -29.78
C SER B 22 0.56 7.04 -29.87
N CYS B 23 1.42 7.30 -28.89
CA CYS B 23 1.08 8.15 -27.76
C CYS B 23 2.13 9.19 -27.53
N ALA B 24 1.76 10.46 -27.65
CA ALA B 24 2.63 11.57 -27.34
C ALA B 24 2.61 11.84 -25.85
N ALA B 25 3.78 12.06 -25.29
CA ALA B 25 3.97 12.32 -23.88
C ALA B 25 4.64 13.67 -23.67
N SER B 26 4.22 14.37 -22.63
CA SER B 26 4.93 15.55 -22.15
C SER B 26 4.73 15.73 -20.65
N GLY B 27 5.61 16.54 -20.04
CA GLY B 27 5.47 16.95 -18.63
C GLY B 27 6.16 16.07 -17.64
N PHE B 28 6.99 15.16 -18.14
CA PHE B 28 7.79 14.28 -17.31
C PHE B 28 8.91 13.74 -18.19
N THR B 29 9.86 13.08 -17.56
CA THR B 29 11.02 12.55 -18.30
C THR B 29 10.63 11.22 -18.92
N PHE B 30 10.20 11.27 -20.15
CA PHE B 30 9.69 10.07 -20.86
C PHE B 30 10.73 8.98 -20.93
N SER B 31 11.98 9.37 -21.14
CA SER B 31 13.07 8.41 -21.26
C SER B 31 13.34 7.57 -20.02
N SER B 32 12.81 7.99 -18.86
N SER B 32 12.79 7.96 -18.86
CA SER B 32 12.94 7.25 -17.61
CA SER B 32 12.92 7.23 -17.63
C SER B 32 11.66 6.50 -17.20
C SER B 32 11.62 6.61 -17.14
N ALA B 33 10.60 6.56 -18.00
CA ALA B 33 9.27 6.03 -17.60
C ALA B 33 8.99 4.67 -18.19
N ILE B 34 8.56 3.73 -17.34
CA ILE B 34 7.89 2.54 -17.81
C ILE B 34 6.61 3.00 -18.49
N MET B 35 6.28 2.41 -19.62
CA MET B 35 5.05 2.74 -20.37
C MET B 35 4.22 1.49 -20.61
N THR B 36 2.89 1.63 -20.54
CA THR B 36 1.99 0.53 -20.73
C THR B 36 0.78 0.90 -21.59
N TRP B 37 0.37 -0.04 -22.45
CA TRP B 37 -0.87 0.05 -23.18
C TRP B 37 -1.88 -0.86 -22.51
N VAL B 38 -3.10 -0.33 -22.37
N VAL B 38 -3.10 -0.37 -22.39
CA VAL B 38 -4.27 -0.98 -21.82
CA VAL B 38 -4.22 -1.13 -21.89
C VAL B 38 -5.37 -0.84 -22.87
C VAL B 38 -5.41 -0.80 -22.77
N ARG B 39 -6.34 -1.73 -22.83
CA ARG B 39 -7.55 -1.55 -23.61
C ARG B 39 -8.80 -1.77 -22.82
N GLN B 40 -9.89 -1.13 -23.26
CA GLN B 40 -11.18 -1.21 -22.57
C GLN B 40 -12.32 -1.10 -23.60
N ALA B 41 -13.11 -2.14 -23.72
CA ALA B 41 -14.31 -2.17 -24.53
C ALA B 41 -15.56 -2.03 -23.65
N PRO B 42 -16.62 -1.38 -24.17
CA PRO B 42 -17.84 -1.32 -23.39
C PRO B 42 -18.35 -2.69 -22.95
N GLY B 43 -18.68 -2.77 -21.66
CA GLY B 43 -19.24 -3.99 -21.10
C GLY B 43 -18.26 -5.08 -20.79
N LYS B 44 -16.97 -4.77 -20.92
CA LYS B 44 -15.91 -5.76 -20.68
C LYS B 44 -14.94 -5.23 -19.65
N GLY B 45 -14.16 -6.14 -19.10
CA GLY B 45 -13.14 -5.76 -18.15
C GLY B 45 -11.97 -5.07 -18.87
N ARG B 46 -11.31 -4.19 -18.14
CA ARG B 46 -10.06 -3.58 -18.52
C ARG B 46 -9.06 -4.69 -18.81
N GLU B 47 -8.28 -4.54 -19.87
CA GLU B 47 -7.30 -5.58 -20.27
C GLU B 47 -5.95 -4.97 -20.61
N TRP B 48 -4.95 -5.37 -19.82
CA TRP B 48 -3.57 -5.07 -20.10
C TRP B 48 -3.14 -5.64 -21.45
N VAL B 49 -2.45 -4.81 -22.24
CA VAL B 49 -1.98 -5.21 -23.56
C VAL B 49 -0.48 -5.52 -23.55
N SER B 50 0.29 -4.53 -23.17
CA SER B 50 1.75 -4.65 -23.23
C SER B 50 2.40 -3.55 -22.42
N THR B 51 3.62 -3.84 -21.91
CA THR B 51 4.40 -2.90 -21.17
C THR B 51 5.83 -2.88 -21.79
N ILE B 52 6.46 -1.72 -21.70
CA ILE B 52 7.83 -1.52 -22.18
C ILE B 52 8.62 -0.73 -21.13
N GLY B 53 9.81 -1.27 -20.80
CA GLY B 53 10.71 -0.57 -19.92
C GLY B 53 11.22 0.72 -20.52
N SER B 54 11.83 1.54 -19.71
CA SER B 54 12.19 2.93 -20.14
C SER B 54 13.21 2.94 -21.30
N ASP B 55 14.19 2.03 -21.31
CA ASP B 55 15.15 2.01 -22.42
C ASP B 55 14.67 1.20 -23.63
N GLY B 56 13.46 0.61 -23.59
CA GLY B 56 12.90 -0.15 -24.70
C GLY B 56 13.25 -1.62 -24.85
N SER B 57 14.25 -2.09 -24.10
CA SER B 57 14.78 -3.43 -24.26
C SER B 57 13.93 -4.53 -23.65
N ILE B 58 13.18 -4.19 -22.59
CA ILE B 58 12.33 -5.14 -21.93
C ILE B 58 10.90 -4.85 -22.32
N THR B 59 10.26 -5.87 -22.91
CA THR B 59 8.86 -5.76 -23.37
C THR B 59 8.11 -6.99 -22.91
N THR B 60 6.85 -6.78 -22.53
CA THR B 60 6.00 -7.87 -22.10
C THR B 60 4.64 -7.68 -22.76
N TYR B 61 3.94 -8.78 -22.96
CA TYR B 61 2.70 -8.79 -23.69
C TYR B 61 1.68 -9.71 -23.04
N ALA B 62 0.42 -9.32 -23.17
CA ALA B 62 -0.68 -10.21 -22.85
C ALA B 62 -0.69 -11.38 -23.83
N ASP B 63 -1.02 -12.57 -23.32
CA ASP B 63 -1.14 -13.73 -24.16
C ASP B 63 -2.11 -13.51 -25.33
N SER B 64 -3.17 -12.73 -25.11
CA SER B 64 -4.18 -12.44 -26.15
C SER B 64 -3.66 -11.68 -27.38
N VAL B 65 -2.49 -11.04 -27.26
CA VAL B 65 -1.90 -10.27 -28.36
C VAL B 65 -0.53 -10.74 -28.83
N LYS B 66 0.05 -11.73 -28.13
CA LYS B 66 1.42 -12.18 -28.41
C LYS B 66 1.54 -12.61 -29.87
N GLY B 67 2.60 -12.14 -30.53
CA GLY B 67 2.86 -12.46 -31.93
C GLY B 67 2.09 -11.64 -32.95
N ARG B 68 1.17 -10.80 -32.50
CA ARG B 68 0.38 -9.92 -33.36
C ARG B 68 0.69 -8.44 -33.15
N PHE B 69 0.85 -8.02 -31.88
CA PHE B 69 1.14 -6.63 -31.54
C PHE B 69 2.58 -6.49 -31.09
N THR B 70 3.17 -5.33 -31.38
CA THR B 70 4.52 -5.04 -30.96
C THR B 70 4.57 -3.65 -30.38
N ILE B 71 5.05 -3.57 -29.13
CA ILE B 71 5.25 -2.32 -28.44
C ILE B 71 6.66 -1.78 -28.75
N SER B 72 6.79 -0.44 -28.83
CA SER B 72 8.06 0.19 -29.04
C SER B 72 7.98 1.65 -28.59
N ARG B 73 9.09 2.36 -28.55
CA ARG B 73 9.16 3.70 -28.09
C ARG B 73 10.33 4.40 -28.79
N ASP B 74 10.19 5.72 -28.90
CA ASP B 74 11.24 6.60 -29.38
C ASP B 74 11.44 7.65 -28.31
N ASN B 75 12.42 7.41 -27.47
CA ASN B 75 12.67 8.30 -26.36
C ASN B 75 13.00 9.73 -26.77
N ALA B 76 13.74 9.87 -27.87
CA ALA B 76 14.10 11.18 -28.40
C ALA B 76 12.89 11.99 -28.83
N ARG B 77 11.83 11.31 -29.28
CA ARG B 77 10.60 11.97 -29.70
C ARG B 77 9.45 11.90 -28.70
N ASN B 78 9.70 11.39 -27.49
N ASN B 78 9.71 11.42 -27.48
CA ASN B 78 8.67 11.32 -26.43
CA ASN B 78 8.68 11.31 -26.44
C ASN B 78 7.39 10.62 -26.89
C ASN B 78 7.39 10.66 -26.95
N THR B 79 7.58 9.53 -27.64
CA THR B 79 6.51 8.79 -28.27
C THR B 79 6.58 7.27 -27.99
N LEU B 80 5.44 6.72 -27.62
CA LEU B 80 5.23 5.30 -27.44
C LEU B 80 4.42 4.85 -28.64
N TYR B 81 4.65 3.60 -29.10
CA TYR B 81 3.95 3.01 -30.23
C TYR B 81 3.37 1.65 -29.89
N LEU B 82 2.35 1.26 -30.65
CA LEU B 82 1.82 -0.09 -30.66
C LEU B 82 1.50 -0.42 -32.12
N GLN B 83 2.35 -1.25 -32.72
CA GLN B 83 2.05 -1.82 -34.03
C GLN B 83 1.10 -2.98 -33.84
N MET B 84 -0.05 -2.91 -34.51
CA MET B 84 -1.09 -3.94 -34.38
C MET B 84 -1.32 -4.60 -35.73
N ASN B 85 -1.05 -5.91 -35.80
CA ASN B 85 -1.25 -6.72 -37.00
C ASN B 85 -2.28 -7.84 -36.75
N SER B 86 -2.79 -8.42 -37.83
CA SER B 86 -3.70 -9.55 -37.74
C SER B 86 -4.89 -9.26 -36.80
N LEU B 87 -5.48 -8.10 -36.98
CA LEU B 87 -6.54 -7.63 -36.07
C LEU B 87 -7.80 -8.49 -36.18
N LYS B 88 -8.47 -8.70 -35.05
N LYS B 88 -8.43 -8.72 -35.03
CA LYS B 88 -9.67 -9.51 -34.94
CA LYS B 88 -9.66 -9.51 -34.88
C LYS B 88 -10.77 -8.65 -34.32
C LYS B 88 -10.77 -8.60 -34.35
N PRO B 89 -12.06 -8.96 -34.59
CA PRO B 89 -13.19 -8.25 -33.93
C PRO B 89 -13.06 -8.08 -32.41
N GLU B 90 -12.52 -9.10 -31.76
CA GLU B 90 -12.31 -9.13 -30.32
C GLU B 90 -11.23 -8.17 -29.85
N ASP B 91 -10.44 -7.58 -30.76
CA ASP B 91 -9.51 -6.48 -30.41
C ASP B 91 -10.16 -5.11 -30.34
N THR B 92 -11.46 -5.00 -30.70
CA THR B 92 -12.14 -3.76 -30.66
C THR B 92 -12.19 -3.24 -29.22
N ALA B 93 -11.76 -2.00 -29.05
CA ALA B 93 -11.62 -1.34 -27.74
C ALA B 93 -11.09 0.03 -27.90
N VAL B 94 -11.22 0.81 -26.81
CA VAL B 94 -10.38 2.01 -26.65
C VAL B 94 -9.02 1.52 -26.11
N TYR B 95 -7.96 1.95 -26.77
CA TYR B 95 -6.59 1.66 -26.35
C TYR B 95 -6.02 2.89 -25.74
N TYR B 96 -5.41 2.74 -24.57
CA TYR B 96 -4.89 3.86 -23.91
C TYR B 96 -3.53 3.53 -23.29
N CYS B 97 -2.77 4.60 -23.07
N CYS B 97 -2.79 4.59 -23.00
CA CYS B 97 -1.42 4.55 -22.49
CA CYS B 97 -1.50 4.50 -22.32
C CYS B 97 -1.50 4.98 -21.06
C CYS B 97 -1.61 4.86 -20.88
N THR B 98 -0.73 4.30 -20.22
N THR B 98 -0.84 4.16 -20.07
CA THR B 98 -0.73 4.65 -18.82
CA THR B 98 -0.75 4.51 -18.67
C THR B 98 0.67 4.58 -18.23
C THR B 98 0.70 4.61 -18.26
N SER B 99 0.96 5.53 -17.34
CA SER B 99 2.25 5.63 -16.64
C SER B 99 2.06 6.35 -15.30
N ALA B 100 2.58 5.73 -14.26
CA ALA B 100 2.56 6.28 -12.89
C ALA B 100 1.18 6.75 -12.43
N GLY B 101 0.16 5.96 -12.76
CA GLY B 101 -1.19 6.20 -12.33
C GLY B 101 -1.96 7.20 -13.13
N ARG B 102 -1.36 7.75 -14.17
CA ARG B 102 -2.03 8.62 -15.13
C ARG B 102 -2.29 7.86 -16.41
N ARG B 103 -3.32 8.29 -17.13
CA ARG B 103 -3.65 7.71 -18.43
C ARG B 103 -4.01 8.79 -19.42
N GLY B 104 -3.86 8.47 -20.69
CA GLY B 104 -4.42 9.33 -21.75
C GLY B 104 -5.87 9.02 -22.01
N PRO B 105 -6.51 9.86 -22.82
CA PRO B 105 -7.93 9.62 -23.14
C PRO B 105 -8.23 8.44 -24.05
N GLY B 106 -7.23 8.02 -24.82
CA GLY B 106 -7.32 6.82 -25.61
C GLY B 106 -7.64 7.04 -27.06
N THR B 107 -7.53 5.96 -27.82
CA THR B 107 -7.86 5.92 -29.25
C THR B 107 -8.66 4.67 -29.57
N GLN B 108 -9.75 4.85 -30.32
CA GLN B 108 -10.63 3.77 -30.66
C GLN B 108 -10.09 2.94 -31.77
N VAL B 109 -10.13 1.63 -31.56
CA VAL B 109 -9.83 0.62 -32.53
C VAL B 109 -11.11 -0.18 -32.69
N THR B 110 -11.59 -0.27 -33.93
CA THR B 110 -12.78 -1.06 -34.25
C THR B 110 -12.41 -1.96 -35.42
N VAL B 111 -12.68 -3.26 -35.27
CA VAL B 111 -12.40 -4.26 -36.26
C VAL B 111 -13.74 -4.88 -36.60
N SER B 112 -14.16 -4.72 -37.85
CA SER B 112 -15.49 -5.16 -38.28
C SER B 112 -15.42 -5.58 -39.73
N SER B 113 -16.09 -6.67 -40.06
CA SER B 113 -16.27 -7.11 -41.46
C SER B 113 -17.32 -6.27 -42.22
N HIS B 114 -18.23 -5.61 -41.48
CA HIS B 114 -19.24 -4.73 -42.07
C HIS B 114 -18.63 -3.44 -42.68
C1 0BK C . 4.97 -4.46 14.48
C3 0BK C . 6.34 -3.22 12.92
C4 0BK C . 7.56 -2.83 12.36
C5 0BK C . 7.53 -1.92 11.28
C7 0BK C . 5.22 -1.94 11.39
C12 0BK C . 9.57 0.41 9.11
C15 0BK C . 11.29 1.99 7.59
C17 0BK C . 9.91 2.24 7.50
C18 0BK C . 9.09 1.43 8.28
C19 0BK C . 9.35 3.37 6.63
C23 0BK C . 9.12 5.07 8.53
C24 0BK C . 7.60 5.28 8.29
C30 0BK C . 5.56 7.36 7.39
O2 0BK C . 6.27 -4.06 13.97
N6 0BK C . 6.34 -1.52 10.83
N8 0BK C . 5.20 -2.77 12.40
C9 0BK C . 8.76 -1.38 10.65
O10 0BK C . 9.88 -1.84 10.93
N11 0BK C . 8.59 -0.32 9.83
C13 0BK C . 10.95 0.20 9.15
C14 0BK C . 11.80 0.98 8.38
F16 0BK C . 12.19 2.74 6.88
C20 0BK C . 9.73 3.20 5.16
F21 0BK C . 9.29 4.31 4.44
C22 0BK C . 9.83 4.71 7.21
C25 0BK C . 6.88 5.24 9.65
C26 0BK C . 7.12 4.15 7.39
N27 0BK C . 5.77 3.97 7.32
N28 0BK C . 7.88 3.40 6.65
S29 0BK C . 7.34 6.93 7.46
O31 0BK C . 7.71 6.93 6.09
O32 0BK C . 7.91 7.93 8.30
H2 0BK C . 5.08 -5.10 15.34
H1 0BK C . 4.42 -4.99 13.71
H3 0BK C . 4.39 -3.58 14.78
H4 0BK C . 8.50 -3.17 12.78
H5 0BK C . 4.28 -1.59 11.02
H9 0BK C . 8.04 1.61 8.24
H14 0BK C . 9.26 4.27 9.25
H15 0BK C . 9.56 5.98 8.94
H22 0BK C . 5.26 7.49 6.35
H23 0BK C . 4.96 6.58 7.85
H21 0BK C . 5.39 8.29 7.92
H6 0BK C . 7.68 -0.03 9.70
H7 0BK C . 11.41 -0.57 9.75
H8 0BK C . 12.86 0.81 8.41
H11 0BK C . 9.29 2.29 4.77
H10 0BK C . 10.80 3.11 5.05
H13 0BK C . 10.90 4.71 7.40
H12 0BK C . 9.64 5.49 6.49
H18 0BK C . 7.61 5.20 10.47
H17 0BK C . 6.26 4.35 9.74
H16 0BK C . 6.27 6.13 9.78
H19 0BK C . 5.16 4.52 7.79
H20 0BK C . 5.41 3.25 6.78
C1 EDO D . 8.47 1.61 12.39
O1 EDO D . 8.33 2.68 11.47
C2 EDO D . 8.45 2.15 13.82
O2 EDO D . 7.18 2.76 14.09
H11 EDO D . 7.63 0.91 12.28
H12 EDO D . 9.41 1.06 12.21
HO1 EDO D . 8.38 2.37 10.55
H21 EDO D . 8.65 1.36 14.53
H22 EDO D . 9.23 2.91 13.92
HO2 EDO D . 6.73 3.00 13.25
C1 EDO E . -11.90 3.78 -22.03
O1 EDO E . -11.22 5.02 -22.15
C2 EDO E . -12.91 3.93 -20.91
O2 EDO E . -12.23 4.19 -19.65
H11 EDO E . -12.42 3.55 -22.96
H12 EDO E . -11.19 2.98 -21.81
HO1 EDO E . -10.58 4.97 -22.85
H21 EDO E . -13.59 4.76 -21.13
H22 EDO E . -13.50 3.02 -20.82
HO2 EDO E . -11.44 3.49 -19.55
C1 EDO F . 11.39 15.69 -30.51
O1 EDO F . 10.13 15.51 -31.17
C2 EDO F . 11.22 16.00 -29.02
O2 EDO F . 10.06 15.35 -28.42
H11 EDO F . 12.00 14.80 -30.64
H12 EDO F . 11.92 16.53 -30.99
HO1 EDO F . 10.31 15.35 -32.15
H21 EDO F . 12.11 15.69 -28.49
H22 EDO F . 11.11 17.08 -28.91
HO2 EDO F . 9.53 14.90 -29.09
C1 EDO G . 13.41 -5.70 -27.83
O1 EDO G . 14.47 -6.17 -27.01
C2 EDO G . 12.16 -5.63 -26.97
O2 EDO G . 12.16 -6.53 -25.85
H11 EDO G . 13.64 -4.70 -28.22
H12 EDO G . 13.24 -6.37 -28.67
HO1 EDO G . 15.32 -6.11 -27.56
H21 EDO G . 12.03 -4.62 -26.62
H22 EDO G . 11.30 -5.87 -27.60
HO2 EDO G . 13.17 -6.63 -25.49
#